data_6TYX
#
_entry.id   6TYX
#
_cell.length_a   44.798
_cell.length_b   71.605
_cell.length_c   74.600
_cell.angle_alpha   90.000
_cell.angle_beta   98.309
_cell.angle_gamma   90.000
#
_symmetry.space_group_name_H-M   'P 1 21 1'
#
loop_
_entity.id
_entity.type
_entity.pdbx_description
1 polymer 'X-ray repair cross-complementing protein 5'
2 polymer LYS-GLY-LEU-PHE-MET
3 water water
#
loop_
_entity_poly.entity_id
_entity_poly.type
_entity_poly.pdbx_seq_one_letter_code
_entity_poly.pdbx_strand_id
1 'polypeptide(L)'
;MHHHHHHMARAAKSAVVLCMDVGLAMSHSNQGKESPFEQAKKVMMLFLQRQVFAESKDEIAVVLYGTDTTDNALAREDQY
ENISVHRHLMLPDFDLLEQIENVVEPGSVQADFLDALIVSMDLLQKETLGKKYTRLHIAVFSDLSSPFSVDQLEVIIANL
KKAEITLQFFLPFSVDEGSGPGKGLSDQQKEGIEMVRKIMFSLDGEEGLSEVFTFRDALERLSIFKKIERR
;
A,B
2 'polypeptide(L)' RPPAGASKPKKKAKGLFM C,D
#
# COMPACT_ATOMS: atom_id res chain seq x y z
N LYS A 13 5.62 -27.74 10.60
CA LYS A 13 4.69 -27.78 9.47
C LYS A 13 4.52 -26.39 8.85
N SER A 14 4.18 -26.38 7.56
CA SER A 14 3.90 -25.17 6.81
C SER A 14 2.43 -25.11 6.44
N ALA A 15 1.99 -23.92 6.04
CA ALA A 15 0.65 -23.70 5.49
C ALA A 15 0.82 -23.12 4.08
N VAL A 16 0.15 -23.73 3.11
CA VAL A 16 0.30 -23.36 1.70
C VAL A 16 -1.10 -23.19 1.11
N VAL A 17 -1.31 -22.10 0.38
CA VAL A 17 -2.50 -21.92 -0.44
C VAL A 17 -2.09 -22.05 -1.89
N LEU A 18 -2.76 -22.95 -2.61
CA LEU A 18 -2.67 -23.01 -4.05
C LEU A 18 -3.79 -22.11 -4.60
N CYS A 19 -3.40 -21.03 -5.26
CA CYS A 19 -4.32 -20.00 -5.73
C CYS A 19 -4.35 -20.07 -7.25
N MET A 20 -5.37 -20.75 -7.78
CA MET A 20 -5.37 -21.20 -9.16
C MET A 20 -6.37 -20.38 -9.98
N ASP A 21 -5.89 -19.77 -11.05
CA ASP A 21 -6.74 -19.14 -12.05
C ASP A 21 -7.45 -20.23 -12.86
N VAL A 22 -8.78 -20.27 -12.78
CA VAL A 22 -9.58 -21.16 -13.61
C VAL A 22 -10.48 -20.36 -14.55
N GLY A 23 -10.15 -19.09 -14.79
CA GLY A 23 -10.94 -18.25 -15.65
C GLY A 23 -10.95 -18.74 -17.08
N LEU A 24 -11.90 -18.18 -17.84
CA LEU A 24 -12.17 -18.63 -19.20
C LEU A 24 -10.92 -18.67 -20.07
N ALA A 25 -10.08 -17.64 -20.00
CA ALA A 25 -8.91 -17.62 -20.88
C ALA A 25 -7.93 -18.74 -20.55
N MET A 26 -7.97 -19.28 -19.34
CA MET A 26 -7.10 -20.42 -19.02
C MET A 26 -7.44 -21.66 -19.82
N SER A 27 -8.64 -21.71 -20.40
CA SER A 27 -9.11 -22.91 -21.10
C SER A 27 -8.69 -22.93 -22.56
N HIS A 28 -8.05 -21.87 -23.03
CA HIS A 28 -7.73 -21.80 -24.45
C HIS A 28 -6.57 -22.73 -24.78
N SER A 29 -6.76 -23.58 -25.76
CA SER A 29 -5.70 -24.51 -26.16
C SER A 29 -5.15 -24.06 -27.49
N ASN A 30 -3.84 -23.85 -27.54
CA ASN A 30 -3.10 -23.53 -28.76
C ASN A 30 -2.98 -24.78 -29.63
N GLN A 31 -3.82 -24.86 -30.66
CA GLN A 31 -3.68 -25.93 -31.66
C GLN A 31 -3.78 -27.29 -31.00
N GLY A 32 -4.75 -27.43 -30.09
CA GLY A 32 -4.96 -28.68 -29.39
C GLY A 32 -3.96 -29.01 -28.30
N LYS A 33 -2.85 -28.27 -28.21
CA LYS A 33 -1.89 -28.47 -27.13
C LYS A 33 -2.56 -28.25 -25.78
N GLU A 34 -1.84 -28.47 -24.69
CA GLU A 34 -2.42 -28.33 -23.36
C GLU A 34 -2.66 -26.86 -23.01
N SER A 35 -3.87 -26.57 -22.57
CA SER A 35 -4.24 -25.24 -22.11
C SER A 35 -3.45 -24.86 -20.85
N PRO A 36 -3.32 -23.56 -20.57
CA PRO A 36 -2.76 -23.16 -19.26
C PRO A 36 -3.45 -23.82 -18.08
N PHE A 37 -4.76 -24.00 -18.16
CA PHE A 37 -5.49 -24.65 -17.08
C PHE A 37 -4.97 -26.07 -16.84
N GLU A 38 -4.82 -26.85 -17.92
CA GLU A 38 -4.36 -28.23 -17.75
C GLU A 38 -2.91 -28.27 -17.28
N GLN A 39 -2.07 -27.34 -17.78
CA GLN A 39 -0.68 -27.28 -17.33
C GLN A 39 -0.60 -26.96 -15.85
N ALA A 40 -1.36 -25.96 -15.40
CA ALA A 40 -1.35 -25.60 -13.99
C ALA A 40 -1.86 -26.75 -13.13
N LYS A 41 -2.94 -27.40 -13.57
CA LYS A 41 -3.47 -28.53 -12.82
C LYS A 41 -2.43 -29.63 -12.68
N LYS A 42 -1.67 -29.90 -13.74
CA LYS A 42 -0.64 -30.93 -13.66
C LYS A 42 0.42 -30.58 -12.63
N VAL A 43 0.82 -29.30 -12.55
CA VAL A 43 1.81 -28.91 -11.55
C VAL A 43 1.25 -29.09 -10.15
N MET A 44 0.01 -28.64 -9.95
CA MET A 44 -0.63 -28.80 -8.64
C MET A 44 -0.73 -30.27 -8.26
N MET A 45 -1.08 -31.12 -9.22
CA MET A 45 -1.23 -32.55 -8.93
C MET A 45 0.10 -33.19 -8.54
N LEU A 46 1.18 -32.86 -9.27
CA LEU A 46 2.48 -33.43 -8.91
C LEU A 46 2.90 -32.99 -7.51
N PHE A 47 2.69 -31.72 -7.18
CA PHE A 47 2.98 -31.24 -5.84
C PHE A 47 2.17 -31.98 -4.78
N LEU A 48 0.85 -32.06 -4.98
CA LEU A 48 0.00 -32.72 -3.99
C LEU A 48 0.34 -34.20 -3.87
N GLN A 49 0.65 -34.85 -4.99
CA GLN A 49 0.99 -36.27 -4.94
C GLN A 49 2.23 -36.50 -4.09
N ARG A 50 3.23 -35.64 -4.22
CA ARG A 50 4.44 -35.78 -3.41
C ARG A 50 4.14 -35.52 -1.94
N GLN A 51 3.35 -34.49 -1.66
CA GLN A 51 2.95 -34.21 -0.28
C GLN A 51 2.25 -35.41 0.35
N VAL A 52 1.29 -36.01 -0.35
CA VAL A 52 0.54 -37.13 0.20
C VAL A 52 1.44 -38.36 0.33
N PHE A 53 2.25 -38.64 -0.70
CA PHE A 53 3.10 -39.83 -0.66
C PHE A 53 4.05 -39.77 0.53
N ALA A 54 4.60 -38.59 0.81
CA ALA A 54 5.56 -38.41 1.89
C ALA A 54 4.91 -38.31 3.26
N GLU A 55 3.58 -38.23 3.34
CA GLU A 55 2.90 -38.04 4.61
C GLU A 55 3.38 -36.76 5.28
N SER A 56 3.65 -35.74 4.45
CA SER A 56 4.05 -34.44 4.96
C SER A 56 3.00 -33.89 5.91
N LYS A 57 3.46 -33.12 6.89
CA LYS A 57 2.58 -32.49 7.85
C LYS A 57 2.04 -31.14 7.38
N ASP A 58 2.50 -30.63 6.25
CA ASP A 58 2.04 -29.33 5.78
C ASP A 58 0.56 -29.36 5.45
N GLU A 59 -0.12 -28.26 5.70
CA GLU A 59 -1.53 -28.12 5.40
C GLU A 59 -1.68 -27.30 4.14
N ILE A 60 -2.63 -27.71 3.29
CA ILE A 60 -2.78 -27.15 1.96
C ILE A 60 -4.22 -26.67 1.81
N ALA A 61 -4.38 -25.43 1.37
CA ALA A 61 -5.68 -24.91 0.95
C ALA A 61 -5.63 -24.62 -0.55
N VAL A 62 -6.81 -24.58 -1.15
CA VAL A 62 -6.94 -24.35 -2.57
C VAL A 62 -8.01 -23.29 -2.78
N VAL A 63 -7.64 -22.19 -3.41
CA VAL A 63 -8.54 -21.11 -3.77
C VAL A 63 -8.55 -21.06 -5.29
N LEU A 64 -9.75 -21.04 -5.87
CA LEU A 64 -9.93 -20.96 -7.31
C LEU A 64 -10.51 -19.60 -7.64
N TYR A 65 -9.98 -18.94 -8.66
CA TYR A 65 -10.58 -17.68 -9.10
C TYR A 65 -10.87 -17.75 -10.59
N GLY A 66 -12.04 -17.22 -10.94
CA GLY A 66 -12.65 -17.42 -12.22
C GLY A 66 -13.74 -18.46 -12.23
N THR A 67 -14.18 -18.92 -11.05
CA THR A 67 -15.23 -19.92 -10.96
C THR A 67 -16.56 -19.28 -11.27
N ASP A 68 -17.49 -20.10 -11.77
CA ASP A 68 -18.84 -19.60 -12.02
C ASP A 68 -19.57 -19.31 -10.71
N THR A 69 -19.23 -20.03 -9.66
CA THR A 69 -19.79 -19.81 -8.33
C THR A 69 -18.94 -18.80 -7.54
N THR A 70 -19.49 -18.35 -6.42
CA THR A 70 -18.77 -17.50 -5.47
C THR A 70 -18.90 -18.14 -4.09
N ASP A 71 -17.76 -18.40 -3.44
CA ASP A 71 -17.79 -19.03 -2.11
C ASP A 71 -16.52 -18.64 -1.34
N ASN A 72 -16.60 -17.53 -0.61
CA ASN A 72 -15.46 -17.13 0.21
C ASN A 72 -15.92 -16.16 1.27
N ALA A 73 -15.10 -16.01 2.31
CA ALA A 73 -15.49 -15.28 3.52
C ALA A 73 -15.60 -13.78 3.31
N LEU A 74 -15.00 -13.26 2.24
CA LEU A 74 -15.02 -11.84 1.96
C LEU A 74 -16.14 -11.43 1.02
N ALA A 75 -16.79 -12.40 0.36
CA ALA A 75 -17.76 -12.07 -0.66
C ALA A 75 -18.93 -11.30 -0.06
N ARG A 76 -19.23 -10.16 -0.67
CA ARG A 76 -20.37 -9.33 -0.26
C ARG A 76 -20.83 -8.53 -1.47
N GLU A 77 -22.15 -8.39 -1.62
CA GLU A 77 -22.73 -7.68 -2.74
C GLU A 77 -22.04 -8.06 -4.05
N ASP A 78 -21.20 -7.18 -4.59
CA ASP A 78 -20.45 -7.46 -5.81
C ASP A 78 -18.94 -7.48 -5.55
N GLN A 79 -18.54 -7.81 -4.33
CA GLN A 79 -17.14 -7.87 -3.95
C GLN A 79 -16.66 -9.31 -3.90
N TYR A 80 -15.44 -9.54 -4.39
CA TYR A 80 -14.78 -10.84 -4.35
C TYR A 80 -15.62 -11.92 -5.02
N GLU A 81 -16.25 -11.58 -6.13
CA GLU A 81 -17.08 -12.51 -6.88
C GLU A 81 -16.23 -13.50 -7.66
N ASN A 82 -16.81 -14.68 -7.90
CA ASN A 82 -16.18 -15.69 -8.76
C ASN A 82 -14.83 -16.14 -8.21
N ILE A 83 -14.71 -16.13 -6.89
CA ILE A 83 -13.58 -16.69 -6.15
C ILE A 83 -14.17 -17.69 -5.15
N SER A 84 -13.60 -18.90 -5.13
CA SER A 84 -14.18 -19.99 -4.36
C SER A 84 -13.08 -20.74 -3.62
N VAL A 85 -13.28 -20.93 -2.32
CA VAL A 85 -12.40 -21.78 -1.53
C VAL A 85 -12.76 -23.22 -1.84
N HIS A 86 -11.91 -23.90 -2.60
CA HIS A 86 -12.18 -25.29 -2.95
C HIS A 86 -11.82 -26.24 -1.82
N ARG A 87 -10.79 -25.90 -1.05
CA ARG A 87 -10.31 -26.73 0.05
C ARG A 87 -9.72 -25.81 1.10
N HIS A 88 -10.24 -25.89 2.32
CA HIS A 88 -9.71 -25.14 3.45
C HIS A 88 -8.41 -25.78 3.93
N LEU A 89 -7.73 -25.08 4.84
CA LEU A 89 -6.38 -25.47 5.24
C LEU A 89 -6.43 -26.76 6.07
N MET A 90 -5.79 -27.81 5.56
N MET A 90 -5.81 -27.81 5.55
CA MET A 90 -5.74 -29.10 6.25
CA MET A 90 -5.75 -29.10 6.23
C MET A 90 -4.81 -30.00 5.46
C MET A 90 -4.78 -29.99 5.46
N LEU A 91 -4.51 -31.16 6.03
CA LEU A 91 -3.67 -32.13 5.35
C LEU A 91 -4.28 -32.46 3.99
N PRO A 92 -3.48 -32.55 2.92
CA PRO A 92 -4.03 -33.02 1.65
C PRO A 92 -4.32 -34.51 1.75
N ASP A 93 -5.20 -34.99 0.88
CA ASP A 93 -5.65 -36.38 0.96
C ASP A 93 -6.08 -36.86 -0.42
N PHE A 94 -6.50 -38.12 -0.49
CA PHE A 94 -6.85 -38.68 -1.78
C PHE A 94 -8.12 -38.05 -2.34
N ASP A 95 -9.03 -37.61 -1.47
CA ASP A 95 -10.20 -36.85 -1.91
C ASP A 95 -9.77 -35.61 -2.70
N LEU A 96 -8.79 -34.87 -2.18
CA LEU A 96 -8.33 -33.66 -2.85
C LEU A 96 -7.74 -33.99 -4.21
N LEU A 97 -6.95 -35.06 -4.30
CA LEU A 97 -6.35 -35.44 -5.56
C LEU A 97 -7.42 -35.73 -6.60
N GLU A 98 -8.44 -36.50 -6.21
CA GLU A 98 -9.54 -36.81 -7.14
C GLU A 98 -10.29 -35.54 -7.54
N GLN A 99 -10.50 -34.62 -6.60
CA GLN A 99 -11.22 -33.39 -6.92
C GLN A 99 -10.42 -32.53 -7.88
N ILE A 100 -9.14 -32.32 -7.61
CA ILE A 100 -8.36 -31.49 -8.52
C ILE A 100 -8.26 -32.15 -9.89
N GLU A 101 -8.02 -33.46 -9.91
CA GLU A 101 -7.82 -34.15 -11.18
C GLU A 101 -9.09 -34.17 -12.01
N ASN A 102 -10.22 -34.57 -11.41
CA ASN A 102 -11.40 -34.95 -12.18
C ASN A 102 -12.63 -34.11 -11.95
N VAL A 103 -12.64 -33.18 -11.00
CA VAL A 103 -13.81 -32.36 -10.70
C VAL A 103 -13.61 -30.91 -11.13
N VAL A 104 -12.52 -30.29 -10.70
CA VAL A 104 -12.27 -28.89 -11.02
C VAL A 104 -12.20 -28.73 -12.54
N GLU A 105 -13.06 -27.85 -13.07
N GLU A 105 -13.03 -27.84 -13.07
CA GLU A 105 -13.04 -27.46 -14.48
CA GLU A 105 -13.01 -27.48 -14.49
C GLU A 105 -12.87 -25.96 -14.64
C GLU A 105 -12.91 -25.96 -14.65
N PRO A 106 -12.60 -25.50 -15.85
CA PRO A 106 -12.52 -24.05 -16.07
C PRO A 106 -13.86 -23.37 -15.87
N GLY A 107 -13.82 -22.15 -15.34
CA GLY A 107 -14.99 -21.31 -15.29
C GLY A 107 -15.26 -20.66 -16.63
N SER A 108 -16.36 -19.92 -16.70
CA SER A 108 -16.72 -19.21 -17.91
C SER A 108 -16.59 -17.71 -17.77
N VAL A 109 -15.92 -17.24 -16.71
CA VAL A 109 -15.74 -15.82 -16.44
C VAL A 109 -14.27 -15.59 -16.13
N GLN A 110 -13.93 -14.33 -15.81
CA GLN A 110 -12.64 -14.01 -15.21
C GLN A 110 -12.89 -13.39 -13.85
N ALA A 111 -11.93 -13.57 -12.95
CA ALA A 111 -11.95 -12.88 -11.68
C ALA A 111 -10.69 -12.03 -11.53
N ASP A 112 -10.72 -11.17 -10.54
CA ASP A 112 -9.63 -10.24 -10.29
C ASP A 112 -8.55 -10.96 -9.50
N PHE A 113 -7.33 -11.02 -10.04
CA PHE A 113 -6.30 -11.81 -9.37
C PHE A 113 -5.98 -11.25 -7.99
N LEU A 114 -5.90 -9.93 -7.84
CA LEU A 114 -5.50 -9.38 -6.56
C LEU A 114 -6.57 -9.61 -5.50
N ASP A 115 -7.84 -9.65 -5.89
CA ASP A 115 -8.88 -10.03 -4.96
C ASP A 115 -8.73 -11.48 -4.54
N ALA A 116 -8.30 -12.35 -5.46
CA ALA A 116 -8.07 -13.75 -5.10
C ALA A 116 -6.90 -13.88 -4.13
N LEU A 117 -5.87 -13.07 -4.32
CA LEU A 117 -4.75 -13.04 -3.38
C LEU A 117 -5.22 -12.57 -2.00
N ILE A 118 -6.10 -11.57 -1.95
CA ILE A 118 -6.61 -11.09 -0.67
C ILE A 118 -7.41 -12.20 0.02
N VAL A 119 -8.25 -12.90 -0.73
CA VAL A 119 -9.00 -14.03 -0.18
C VAL A 119 -8.05 -15.09 0.36
N SER A 120 -6.95 -15.35 -0.36
CA SER A 120 -5.98 -16.35 0.07
C SER A 120 -5.26 -15.93 1.35
N MET A 121 -4.87 -14.66 1.45
CA MET A 121 -4.26 -14.15 2.67
C MET A 121 -5.23 -14.19 3.84
N ASP A 122 -6.48 -13.77 3.62
CA ASP A 122 -7.47 -13.79 4.68
C ASP A 122 -7.71 -15.21 5.20
N LEU A 123 -7.77 -16.18 4.28
CA LEU A 123 -7.92 -17.58 4.67
C LEU A 123 -6.75 -18.02 5.55
N LEU A 124 -5.52 -17.73 5.13
CA LEU A 124 -4.37 -18.11 5.94
C LEU A 124 -4.41 -17.44 7.31
N GLN A 125 -4.73 -16.15 7.35
CA GLN A 125 -4.77 -15.44 8.62
C GLN A 125 -5.79 -16.05 9.56
N LYS A 126 -6.97 -16.40 9.04
CA LYS A 126 -8.02 -16.94 9.90
C LYS A 126 -7.70 -18.37 10.34
N GLU A 127 -7.21 -19.19 9.42
CA GLU A 127 -7.16 -20.62 9.69
C GLU A 127 -5.85 -21.08 10.30
N THR A 128 -4.85 -20.20 10.39
CA THR A 128 -3.65 -20.47 11.19
C THR A 128 -3.74 -19.88 12.59
N LEU A 129 -4.82 -19.16 12.90
CA LEU A 129 -4.97 -18.57 14.23
C LEU A 129 -4.78 -19.62 15.32
N GLY A 130 -3.92 -19.32 16.28
CA GLY A 130 -3.71 -20.21 17.40
C GLY A 130 -3.01 -21.50 17.06
N LYS A 131 -2.29 -21.55 15.94
CA LYS A 131 -1.50 -22.71 15.55
C LYS A 131 -0.07 -22.25 15.26
N LYS A 132 0.84 -23.22 15.20
CA LYS A 132 2.25 -22.95 14.98
C LYS A 132 2.64 -23.44 13.59
N TYR A 133 3.06 -22.52 12.74
CA TYR A 133 3.52 -22.84 11.39
C TYR A 133 4.92 -22.27 11.20
N THR A 134 5.79 -23.05 10.57
CA THR A 134 7.13 -22.55 10.26
C THR A 134 7.06 -21.49 9.17
N ARG A 135 6.23 -21.71 8.16
CA ARG A 135 6.12 -20.81 7.02
C ARG A 135 4.65 -20.73 6.58
N LEU A 136 4.29 -19.58 6.02
CA LEU A 136 3.02 -19.39 5.31
C LEU A 136 3.36 -19.05 3.87
N HIS A 137 2.72 -19.73 2.91
CA HIS A 137 3.10 -19.65 1.51
C HIS A 137 1.85 -19.62 0.62
N ILE A 138 1.91 -18.83 -0.44
CA ILE A 138 0.87 -18.81 -1.47
C ILE A 138 1.52 -19.03 -2.80
N ALA A 139 0.97 -19.96 -3.58
CA ALA A 139 1.46 -20.26 -4.92
C ALA A 139 0.35 -19.93 -5.91
N VAL A 140 0.65 -19.03 -6.84
CA VAL A 140 -0.32 -18.54 -7.82
C VAL A 140 -0.06 -19.23 -9.16
N PHE A 141 -1.14 -19.67 -9.82
CA PHE A 141 -1.09 -20.32 -11.12
C PHE A 141 -2.00 -19.54 -12.08
N SER A 142 -1.42 -18.94 -13.12
CA SER A 142 -2.21 -18.08 -14.02
C SER A 142 -1.47 -17.86 -15.34
N ASP A 143 -2.23 -17.42 -16.34
CA ASP A 143 -1.66 -16.88 -17.58
C ASP A 143 -1.70 -15.36 -17.64
N LEU A 144 -2.23 -14.70 -16.60
N LEU A 144 -2.11 -14.71 -16.55
CA LEU A 144 -2.21 -13.22 -16.50
CA LEU A 144 -2.16 -13.26 -16.43
C LEU A 144 -2.95 -12.54 -17.64
C LEU A 144 -3.18 -12.64 -17.38
N SER A 145 -4.00 -13.16 -18.17
N SER A 145 -4.17 -13.43 -17.82
CA SER A 145 -4.67 -12.63 -19.36
CA SER A 145 -5.33 -12.84 -18.47
C SER A 145 -5.80 -11.63 -19.04
C SER A 145 -6.35 -12.32 -17.48
N SER A 146 -6.20 -11.50 -17.78
N SER A 146 -6.21 -12.64 -16.18
CA SER A 146 -7.38 -10.71 -17.44
CA SER A 146 -7.21 -12.16 -15.21
C SER A 146 -7.03 -9.51 -16.57
C SER A 146 -6.96 -10.69 -14.88
N PRO A 147 -7.89 -8.49 -16.55
N PRO A 147 -8.01 -9.89 -14.77
CA PRO A 147 -7.56 -7.25 -15.84
CA PRO A 147 -7.83 -8.45 -14.53
C PRO A 147 -7.55 -7.41 -14.33
C PRO A 147 -7.42 -8.16 -13.10
N PHE A 148 -6.90 -6.46 -13.68
N PHE A 148 -6.97 -6.92 -12.88
CA PHE A 148 -6.89 -6.33 -12.22
CA PHE A 148 -6.56 -6.50 -11.55
C PHE A 148 -6.69 -4.85 -11.88
C PHE A 148 -6.55 -4.98 -11.48
N SER A 149 -6.98 -4.50 -10.63
N SER A 149 -7.01 -4.45 -10.34
CA SER A 149 -6.88 -3.11 -10.16
CA SER A 149 -6.91 -3.03 -10.05
C SER A 149 -5.53 -2.93 -9.47
C SER A 149 -5.55 -2.81 -9.38
N VAL A 150 -4.64 -2.13 -10.08
CA VAL A 150 -3.28 -1.99 -9.58
C VAL A 150 -3.20 -1.18 -8.30
N ASP A 151 -4.24 -0.42 -7.97
CA ASP A 151 -4.16 0.50 -6.83
C ASP A 151 -4.04 -0.25 -5.51
N GLN A 152 -4.70 -1.41 -5.39
CA GLN A 152 -4.73 -2.11 -4.12
C GLN A 152 -3.43 -2.85 -3.79
N LEU A 153 -2.40 -2.71 -4.64
CA LEU A 153 -1.14 -3.43 -4.43
C LEU A 153 -0.46 -3.03 -3.13
N GLU A 154 -0.47 -1.73 -2.80
CA GLU A 154 0.26 -1.27 -1.63
C GLU A 154 -0.19 -1.99 -0.36
N VAL A 155 -1.50 -2.10 -0.16
CA VAL A 155 -2.01 -2.74 1.05
C VAL A 155 -1.66 -4.23 1.04
N ILE A 156 -1.81 -4.87 -0.12
CA ILE A 156 -1.52 -6.30 -0.23
C ILE A 156 -0.05 -6.56 0.13
N ILE A 157 0.87 -5.82 -0.50
CA ILE A 157 2.28 -6.02 -0.23
C ILE A 157 2.58 -5.82 1.26
N ALA A 158 2.02 -4.76 1.85
CA ALA A 158 2.26 -4.50 3.27
C ALA A 158 1.74 -5.64 4.13
N ASN A 159 0.55 -6.15 3.82
CA ASN A 159 -0.03 -7.22 4.63
C ASN A 159 0.77 -8.52 4.45
N LEU A 160 1.19 -8.83 3.22
CA LEU A 160 2.02 -10.02 3.02
C LEU A 160 3.27 -9.98 3.90
N LYS A 161 3.95 -8.83 3.93
CA LYS A 161 5.19 -8.73 4.69
C LYS A 161 4.93 -8.82 6.19
N LYS A 162 3.93 -8.10 6.67
CA LYS A 162 3.57 -8.18 8.09
C LYS A 162 3.28 -9.62 8.49
N ALA A 163 2.55 -10.35 7.65
CA ALA A 163 2.18 -11.74 7.92
C ALA A 163 3.29 -12.73 7.58
N GLU A 164 4.38 -12.26 6.99
CA GLU A 164 5.52 -13.12 6.62
C GLU A 164 5.06 -14.24 5.69
N ILE A 165 4.18 -13.90 4.76
CA ILE A 165 3.72 -14.83 3.73
C ILE A 165 4.66 -14.70 2.55
N THR A 166 5.15 -15.83 2.04
CA THR A 166 5.98 -15.85 0.85
C THR A 166 5.14 -16.28 -0.35
N LEU A 167 5.61 -15.88 -1.53
CA LEU A 167 4.86 -16.08 -2.77
C LEU A 167 5.71 -16.82 -3.79
N GLN A 168 5.01 -17.54 -4.66
CA GLN A 168 5.56 -18.11 -5.88
C GLN A 168 4.51 -17.93 -6.96
N PHE A 169 4.96 -17.71 -8.19
CA PHE A 169 4.09 -17.60 -9.34
C PHE A 169 4.46 -18.69 -10.34
N PHE A 170 3.44 -19.30 -10.94
CA PHE A 170 3.62 -20.31 -11.96
C PHE A 170 2.83 -19.89 -13.19
N LEU A 171 3.54 -19.70 -14.30
CA LEU A 171 3.00 -19.09 -15.50
C LEU A 171 3.37 -19.94 -16.71
N PRO A 172 2.67 -19.76 -17.83
CA PRO A 172 3.07 -20.43 -19.07
C PRO A 172 4.19 -19.73 -19.84
N PHE A 173 4.80 -18.69 -19.27
CA PHE A 173 5.89 -17.98 -19.95
C PHE A 173 6.82 -17.39 -18.89
N SER A 174 8.00 -16.98 -19.33
CA SER A 174 8.96 -16.35 -18.43
C SER A 174 8.61 -14.88 -18.21
N VAL A 175 9.00 -14.37 -17.05
CA VAL A 175 8.84 -12.95 -16.77
C VAL A 175 10.10 -12.19 -17.17
N ASP A 176 10.92 -12.80 -18.02
CA ASP A 176 12.03 -12.10 -18.66
C ASP A 176 11.86 -12.11 -20.17
N GLY A 180 15.13 -14.11 -28.53
CA GLY A 180 14.16 -15.19 -28.42
C GLY A 180 12.82 -14.84 -29.02
N PRO A 181 12.03 -15.86 -29.39
CA PRO A 181 10.75 -15.60 -30.05
C PRO A 181 9.67 -15.17 -29.06
N GLY A 182 8.99 -14.07 -29.37
CA GLY A 182 7.89 -13.63 -28.55
C GLY A 182 6.71 -14.59 -28.60
N LYS A 183 5.91 -14.55 -27.53
CA LYS A 183 4.81 -15.50 -27.37
C LYS A 183 3.45 -14.84 -27.61
N GLY A 184 3.41 -13.70 -28.28
CA GLY A 184 2.13 -13.08 -28.56
C GLY A 184 1.35 -12.68 -27.33
N LEU A 185 2.04 -12.21 -26.30
CA LEU A 185 1.37 -11.81 -25.06
C LEU A 185 0.55 -10.55 -25.28
N SER A 186 -0.65 -10.54 -24.70
CA SER A 186 -1.52 -9.38 -24.77
C SER A 186 -0.99 -8.26 -23.87
N ASP A 187 -1.48 -7.04 -24.11
CA ASP A 187 -1.12 -5.93 -23.24
C ASP A 187 -1.47 -6.24 -21.79
N GLN A 188 -2.62 -6.90 -21.55
CA GLN A 188 -2.98 -7.27 -20.20
C GLN A 188 -1.96 -8.22 -19.59
N GLN A 189 -1.49 -9.21 -20.37
CA GLN A 189 -0.49 -10.13 -19.84
C GLN A 189 0.81 -9.40 -19.53
N LYS A 190 1.19 -8.46 -20.38
CA LYS A 190 2.40 -7.68 -20.11
C LYS A 190 2.24 -6.83 -18.86
N GLU A 191 1.07 -6.22 -18.66
CA GLU A 191 0.82 -5.52 -17.41
C GLU A 191 0.91 -6.48 -16.22
N GLY A 192 0.34 -7.68 -16.36
CA GLY A 192 0.45 -8.67 -15.29
C GLY A 192 1.90 -9.03 -14.99
N ILE A 193 2.72 -9.15 -16.03
CA ILE A 193 4.14 -9.39 -15.82
C ILE A 193 4.76 -8.29 -14.97
N GLU A 194 4.47 -7.02 -15.30
CA GLU A 194 5.04 -5.95 -14.51
C GLU A 194 4.56 -6.01 -13.07
N MET A 195 3.30 -6.36 -12.84
CA MET A 195 2.77 -6.49 -11.49
C MET A 195 3.46 -7.61 -10.72
N VAL A 196 3.64 -8.76 -11.36
CA VAL A 196 4.33 -9.87 -10.71
C VAL A 196 5.73 -9.45 -10.28
N ARG A 197 6.47 -8.80 -11.19
CA ARG A 197 7.82 -8.36 -10.86
C ARG A 197 7.82 -7.34 -9.72
N LYS A 198 6.85 -6.43 -9.71
CA LYS A 198 6.74 -5.45 -8.62
C LYS A 198 6.51 -6.14 -7.28
N ILE A 199 5.57 -7.08 -7.22
CA ILE A 199 5.29 -7.77 -5.97
C ILE A 199 6.51 -8.54 -5.50
N MET A 200 7.05 -9.40 -6.37
CA MET A 200 8.14 -10.27 -5.95
C MET A 200 9.38 -9.48 -5.59
N PHE A 201 9.64 -8.37 -6.30
CA PHE A 201 10.80 -7.57 -5.94
C PHE A 201 10.60 -6.88 -4.59
N SER A 202 9.41 -6.35 -4.35
N SER A 202 9.39 -6.37 -4.34
CA SER A 202 9.14 -5.75 -3.05
CA SER A 202 9.12 -5.74 -3.05
C SER A 202 9.32 -6.78 -1.93
C SER A 202 9.22 -6.74 -1.91
N LEU A 203 8.90 -8.02 -2.17
CA LEU A 203 8.93 -9.03 -1.12
C LEU A 203 10.35 -9.55 -0.86
N ASP A 204 11.17 -9.71 -1.91
CA ASP A 204 12.48 -10.31 -1.68
C ASP A 204 13.52 -9.86 -2.72
N GLY A 205 13.43 -8.64 -3.21
CA GLY A 205 14.46 -8.13 -4.10
C GLY A 205 14.67 -9.01 -5.31
N GLU A 206 15.95 -9.10 -5.73
CA GLU A 206 16.27 -9.85 -6.94
C GLU A 206 16.01 -11.34 -6.78
N GLU A 207 16.18 -11.87 -5.56
CA GLU A 207 15.88 -13.28 -5.33
C GLU A 207 14.39 -13.57 -5.52
N GLY A 208 13.54 -12.60 -5.20
CA GLY A 208 12.11 -12.78 -5.42
C GLY A 208 11.79 -13.10 -6.86
N LEU A 209 12.49 -12.44 -7.79
CA LEU A 209 12.20 -12.67 -9.20
C LEU A 209 12.48 -14.11 -9.61
N SER A 210 13.41 -14.78 -8.92
CA SER A 210 13.71 -16.18 -9.18
C SER A 210 12.68 -17.14 -8.60
N GLU A 211 11.65 -16.62 -7.91
CA GLU A 211 10.54 -17.43 -7.45
C GLU A 211 9.35 -17.37 -8.40
N VAL A 212 9.60 -17.00 -9.65
CA VAL A 212 8.60 -17.04 -10.71
C VAL A 212 9.03 -18.10 -11.71
N PHE A 213 8.17 -19.08 -11.94
CA PHE A 213 8.50 -20.28 -12.70
C PHE A 213 7.54 -20.47 -13.86
N THR A 214 8.02 -21.18 -14.88
CA THR A 214 7.14 -21.64 -15.94
C THR A 214 6.54 -22.99 -15.55
N PHE A 215 5.36 -23.29 -16.11
CA PHE A 215 4.77 -24.61 -15.89
C PHE A 215 5.71 -25.73 -16.32
N ARG A 216 6.36 -25.56 -17.48
CA ARG A 216 7.25 -26.60 -18.00
C ARG A 216 8.40 -26.86 -17.05
N ASP A 217 9.03 -25.79 -16.55
CA ASP A 217 10.13 -25.95 -15.60
C ASP A 217 9.67 -26.64 -14.32
N ALA A 218 8.51 -26.23 -13.81
CA ALA A 218 8.00 -26.81 -12.57
C ALA A 218 7.65 -28.29 -12.76
N LEU A 219 7.01 -28.63 -13.88
CA LEU A 219 6.70 -30.02 -14.16
C LEU A 219 7.96 -30.87 -14.18
N GLU A 220 9.02 -30.39 -14.83
CA GLU A 220 10.26 -31.15 -14.90
C GLU A 220 10.83 -31.39 -13.51
N ARG A 221 10.81 -30.36 -12.65
CA ARG A 221 11.33 -30.53 -11.30
C ARG A 221 10.45 -31.47 -10.48
N LEU A 222 9.13 -31.40 -10.66
CA LEU A 222 8.21 -32.13 -9.80
C LEU A 222 7.86 -33.53 -10.32
N SER A 223 8.22 -33.87 -11.55
CA SER A 223 7.76 -35.12 -12.17
C SER A 223 8.69 -36.26 -11.75
N ILE A 224 8.49 -36.75 -10.53
CA ILE A 224 9.38 -37.75 -9.94
C ILE A 224 8.79 -39.15 -9.92
N PHE A 225 7.49 -39.30 -10.17
CA PHE A 225 6.88 -40.62 -10.18
C PHE A 225 6.94 -41.30 -11.55
N LYS A 226 7.18 -40.53 -12.61
CA LYS A 226 7.27 -41.06 -13.97
C LYS A 226 5.88 -41.35 -14.52
N MET B 1 1.02 7.61 -28.37
CA MET B 1 2.25 7.37 -29.16
C MET B 1 3.36 8.35 -28.75
N HIS B 2 4.38 8.47 -29.60
CA HIS B 2 5.51 9.34 -29.33
C HIS B 2 5.21 10.74 -29.88
N HIS B 3 5.20 11.73 -28.99
CA HIS B 3 4.76 13.08 -29.32
C HIS B 3 5.91 13.90 -29.88
N HIS B 4 5.64 14.57 -31.00
CA HIS B 4 6.56 15.54 -31.58
C HIS B 4 5.84 16.87 -31.76
N HIS B 5 6.63 17.93 -31.82
CA HIS B 5 6.09 19.28 -32.02
C HIS B 5 5.17 19.70 -30.88
N HIS B 6 5.43 19.24 -29.66
CA HIS B 6 4.72 19.70 -28.49
C HIS B 6 5.72 19.92 -27.36
N HIS B 7 5.73 21.14 -26.83
CA HIS B 7 6.64 21.52 -25.76
C HIS B 7 5.86 21.89 -24.49
N ALA B 11 5.37 24.00 -16.06
CA ALA B 11 4.67 24.13 -14.79
C ALA B 11 5.60 24.66 -13.71
N ALA B 12 5.37 25.91 -13.30
CA ALA B 12 6.19 26.54 -12.26
C ALA B 12 5.34 26.90 -11.05
N LYS B 13 4.72 25.90 -10.43
CA LYS B 13 4.00 26.09 -9.19
C LYS B 13 3.97 24.76 -8.45
N SER B 14 3.89 24.84 -7.13
CA SER B 14 3.81 23.66 -6.29
C SER B 14 2.51 23.66 -5.50
N ALA B 15 2.19 22.50 -4.96
CA ALA B 15 1.05 22.31 -4.08
C ALA B 15 1.57 21.87 -2.72
N VAL B 16 1.18 22.59 -1.67
CA VAL B 16 1.71 22.40 -0.34
C VAL B 16 0.55 22.28 0.63
N VAL B 17 0.53 21.23 1.43
CA VAL B 17 -0.41 21.14 2.55
C VAL B 17 0.36 21.48 3.82
N LEU B 18 -0.12 22.47 4.54
CA LEU B 18 0.29 22.72 5.91
C LEU B 18 -0.62 21.87 6.80
N CYS B 19 -0.06 20.82 7.38
CA CYS B 19 -0.81 19.84 8.17
C CYS B 19 -0.46 20.12 9.63
N MET B 20 -1.32 20.87 10.30
CA MET B 20 -1.00 21.46 11.58
C MET B 20 -1.72 20.72 12.71
N ASP B 21 -0.93 20.21 13.66
CA ASP B 21 -1.47 19.65 14.89
C ASP B 21 -2.00 20.79 15.76
N VAL B 22 -3.28 20.75 16.09
CA VAL B 22 -3.91 21.69 17.02
C VAL B 22 -4.43 20.96 18.26
N GLY B 23 -3.92 19.77 18.51
CA GLY B 23 -4.40 18.98 19.62
C GLY B 23 -4.09 19.62 20.97
N LEU B 24 -4.76 19.08 21.99
CA LEU B 24 -4.68 19.65 23.35
C LEU B 24 -3.23 19.90 23.78
N ALA B 25 -2.35 18.92 23.56
CA ALA B 25 -0.98 19.05 24.04
C ALA B 25 -0.22 20.18 23.36
N MET B 26 -0.63 20.59 22.15
CA MET B 26 0.03 21.71 21.49
C MET B 26 -0.11 23.00 22.28
N SER B 27 -1.12 23.09 23.16
CA SER B 27 -1.34 24.24 24.02
C SER B 27 -0.50 24.22 25.28
N HIS B 28 0.20 23.11 25.54
N HIS B 28 0.22 23.13 25.55
CA HIS B 28 1.03 22.98 26.72
CA HIS B 28 0.99 23.01 26.79
C HIS B 28 2.36 23.71 26.50
C HIS B 28 2.37 23.62 26.59
N SER B 29 2.72 24.57 27.44
CA SER B 29 4.04 25.19 27.43
C SER B 29 5.01 24.29 28.17
N ASN B 30 6.13 23.98 27.54
CA ASN B 30 7.11 23.13 28.20
C ASN B 30 8.03 23.98 29.06
N GLN B 31 7.71 24.08 30.34
CA GLN B 31 8.51 24.82 31.29
C GLN B 31 8.76 26.29 30.93
N GLY B 32 7.73 26.96 30.43
CA GLY B 32 7.85 28.34 30.08
C GLY B 32 8.08 28.65 28.61
N LYS B 33 8.51 27.65 27.86
CA LYS B 33 8.73 27.85 26.44
C LYS B 33 7.42 28.17 25.74
N GLU B 34 7.52 28.95 24.67
CA GLU B 34 6.36 29.19 23.82
C GLU B 34 5.72 27.86 23.45
N SER B 35 4.39 27.79 23.50
CA SER B 35 3.72 26.53 23.25
C SER B 35 3.98 26.09 21.82
N PRO B 36 4.01 24.78 21.57
CA PRO B 36 4.16 24.32 20.18
C PRO B 36 3.11 24.90 19.26
N PHE B 37 1.89 25.11 19.74
CA PHE B 37 0.85 25.73 18.93
C PHE B 37 1.28 27.10 18.42
N GLU B 38 1.76 27.96 19.32
CA GLU B 38 2.13 29.31 18.91
C GLU B 38 3.39 29.31 18.06
N GLN B 39 4.36 28.45 18.40
CA GLN B 39 5.56 28.34 17.57
C GLN B 39 5.22 27.87 16.16
N ALA B 40 4.37 26.84 16.07
CA ALA B 40 3.97 26.31 14.77
C ALA B 40 3.22 27.37 13.96
N LYS B 41 2.27 28.06 14.60
CA LYS B 41 1.51 29.09 13.90
C LYS B 41 2.45 30.18 13.37
N LYS B 42 3.43 30.60 14.17
CA LYS B 42 4.33 31.65 13.72
C LYS B 42 5.14 31.21 12.51
N VAL B 43 5.61 29.96 12.49
CA VAL B 43 6.30 29.45 11.32
C VAL B 43 5.37 29.49 10.11
N MET B 44 4.15 28.97 10.29
CA MET B 44 3.18 28.98 9.20
C MET B 44 2.96 30.39 8.68
N MET B 45 2.84 31.35 9.59
CA MET B 45 2.57 32.74 9.22
C MET B 45 3.73 33.37 8.45
N LEU B 46 4.97 33.11 8.87
CA LEU B 46 6.09 33.65 8.11
C LEU B 46 6.12 33.06 6.71
N PHE B 47 5.90 31.75 6.60
CA PHE B 47 5.87 31.12 5.30
C PHE B 47 4.76 31.70 4.43
N LEU B 48 3.56 31.81 5.00
CA LEU B 48 2.42 32.26 4.22
C LEU B 48 2.58 33.72 3.82
N GLN B 49 3.12 34.56 4.72
CA GLN B 49 3.38 35.94 4.37
C GLN B 49 4.38 36.05 3.23
N ARG B 50 5.46 35.26 3.29
CA ARG B 50 6.44 35.27 2.22
C ARG B 50 5.79 34.83 0.90
N GLN B 51 4.96 33.80 0.94
CA GLN B 51 4.24 33.37 -0.25
C GLN B 51 3.35 34.48 -0.79
N VAL B 52 2.55 35.11 0.08
CA VAL B 52 1.60 36.12 -0.38
C VAL B 52 2.35 37.36 -0.86
N PHE B 53 3.31 37.85 -0.06
CA PHE B 53 3.95 39.12 -0.38
C PHE B 53 4.86 38.99 -1.60
N ALA B 54 5.38 37.79 -1.87
CA ALA B 54 6.18 37.57 -3.07
C ALA B 54 5.33 37.28 -4.30
N GLU B 55 4.01 37.18 -4.15
CA GLU B 55 3.11 36.89 -5.26
C GLU B 55 3.46 35.55 -5.91
N SER B 56 3.87 34.59 -5.09
CA SER B 56 4.16 33.26 -5.58
C SER B 56 2.90 32.62 -6.16
N LYS B 57 3.11 31.73 -7.13
CA LYS B 57 2.02 31.00 -7.77
C LYS B 57 1.75 29.67 -7.11
N ASP B 58 2.51 29.30 -6.09
CA ASP B 58 2.26 28.05 -5.38
C ASP B 58 0.88 28.07 -4.74
N GLU B 59 0.24 26.90 -4.72
CA GLU B 59 -1.04 26.74 -4.05
C GLU B 59 -0.84 26.02 -2.72
N ILE B 60 -1.63 26.43 -1.72
CA ILE B 60 -1.43 26.03 -0.34
C ILE B 60 -2.77 25.60 0.25
N ALA B 61 -2.78 24.45 0.90
CA ALA B 61 -3.91 24.00 1.69
C ALA B 61 -3.49 23.95 3.15
N VAL B 62 -4.49 23.98 4.04
CA VAL B 62 -4.23 23.87 5.47
C VAL B 62 -5.18 22.84 6.06
N VAL B 63 -4.61 21.79 6.64
CA VAL B 63 -5.34 20.76 7.35
C VAL B 63 -4.98 20.85 8.82
N LEU B 64 -6.00 20.92 9.67
CA LEU B 64 -5.85 20.95 11.11
C LEU B 64 -6.33 19.62 11.70
N TYR B 65 -5.58 19.07 12.65
CA TYR B 65 -6.01 17.83 13.30
C TYR B 65 -5.94 18.01 14.81
N GLY B 66 -7.03 17.67 15.48
CA GLY B 66 -7.27 18.04 16.86
C GLY B 66 -8.40 19.04 17.02
N THR B 67 -9.10 19.39 15.95
CA THR B 67 -10.16 20.37 16.03
C THR B 67 -11.37 19.79 16.77
N ASP B 68 -12.12 20.67 17.44
CA ASP B 68 -13.31 20.23 18.16
C ASP B 68 -14.37 19.70 17.19
N THR B 69 -14.43 20.26 15.99
CA THR B 69 -15.34 19.81 14.96
C THR B 69 -14.62 18.90 13.96
N THR B 70 -15.37 18.40 12.98
CA THR B 70 -14.86 17.49 11.96
C THR B 70 -15.33 17.99 10.60
N ASP B 71 -14.39 18.17 9.67
CA ASP B 71 -14.73 18.72 8.36
C ASP B 71 -13.67 18.27 7.35
N ASN B 72 -13.86 17.09 6.77
CA ASN B 72 -13.00 16.63 5.69
C ASN B 72 -13.77 15.66 4.81
N ALA B 73 -13.20 15.37 3.64
CA ALA B 73 -13.90 14.59 2.64
C ALA B 73 -14.09 13.14 3.06
N LEU B 74 -13.20 12.62 3.90
CA LEU B 74 -13.21 11.19 4.23
C LEU B 74 -14.02 10.86 5.48
N ALA B 75 -14.38 11.85 6.28
CA ALA B 75 -15.03 11.58 7.56
C ALA B 75 -16.34 10.84 7.34
N ARG B 76 -16.52 9.76 8.10
CA ARG B 76 -17.73 8.96 8.10
C ARG B 76 -17.78 8.21 9.41
N GLU B 77 -18.99 8.01 9.93
CA GLU B 77 -19.16 7.35 11.23
C GLU B 77 -18.15 7.90 12.23
N ASP B 78 -17.29 7.04 12.76
CA ASP B 78 -16.23 7.44 13.67
C ASP B 78 -14.86 7.52 12.99
N GLN B 79 -14.83 7.68 11.67
CA GLN B 79 -13.58 7.73 10.93
C GLN B 79 -13.14 9.16 10.71
N TYR B 80 -11.84 9.40 10.84
CA TYR B 80 -11.22 10.69 10.54
C TYR B 80 -11.89 11.81 11.33
N GLU B 81 -12.23 11.53 12.58
CA GLU B 81 -12.77 12.55 13.46
C GLU B 81 -11.73 13.61 13.79
N ASN B 82 -12.22 14.81 14.08
CA ASN B 82 -11.40 15.89 14.63
C ASN B 82 -10.27 16.29 13.67
N ILE B 83 -10.55 16.21 12.38
CA ILE B 83 -9.65 16.67 11.33
C ILE B 83 -10.44 17.60 10.43
N SER B 84 -9.95 18.83 10.26
CA SER B 84 -10.68 19.87 9.54
C SER B 84 -9.81 20.45 8.44
N VAL B 85 -10.35 20.53 7.23
CA VAL B 85 -9.68 21.21 6.11
C VAL B 85 -10.03 22.69 6.25
N HIS B 86 -9.14 23.45 6.89
CA HIS B 86 -9.38 24.88 7.03
C HIS B 86 -9.34 25.57 5.67
N ARG B 87 -8.36 25.24 4.85
CA ARG B 87 -8.13 25.90 3.57
C ARG B 87 -7.89 24.85 2.52
N HIS B 88 -8.72 24.85 1.48
CA HIS B 88 -8.51 23.97 0.35
C HIS B 88 -7.40 24.52 -0.55
N LEU B 89 -6.93 23.69 -1.46
CA LEU B 89 -5.75 24.02 -2.26
C LEU B 89 -6.07 25.20 -3.17
N MET B 90 -5.38 26.32 -2.96
CA MET B 90 -5.55 27.50 -3.81
C MET B 90 -4.45 28.48 -3.42
N LEU B 91 -4.36 29.57 -4.19
CA LEU B 91 -3.42 30.63 -3.87
C LEU B 91 -3.71 31.18 -2.47
N PRO B 92 -2.69 31.48 -1.67
CA PRO B 92 -2.93 32.14 -0.39
C PRO B 92 -3.24 33.62 -0.61
N ASP B 93 -3.84 34.23 0.42
CA ASP B 93 -4.16 35.65 0.32
C ASP B 93 -4.21 36.26 1.73
N PHE B 94 -4.40 37.59 1.77
CA PHE B 94 -4.48 38.31 3.04
C PHE B 94 -5.56 37.70 3.92
N ASP B 95 -6.65 37.26 3.31
CA ASP B 95 -7.75 36.65 4.05
C ASP B 95 -7.26 35.44 4.84
N LEU B 96 -6.52 34.54 4.18
CA LEU B 96 -6.01 33.36 4.85
C LEU B 96 -5.07 33.73 5.99
N LEU B 97 -4.21 34.73 5.75
CA LEU B 97 -3.31 35.20 6.80
C LEU B 97 -4.10 35.61 8.04
N GLU B 98 -5.11 36.44 7.85
CA GLU B 98 -5.94 36.86 8.98
C GLU B 98 -6.63 35.65 9.63
N GLN B 99 -7.01 34.65 8.82
CA GLN B 99 -7.67 33.46 9.37
C GLN B 99 -6.71 32.66 10.24
N ILE B 100 -5.52 32.35 9.73
CA ILE B 100 -4.53 31.61 10.52
C ILE B 100 -4.16 32.41 11.76
N GLU B 101 -4.02 33.72 11.61
CA GLU B 101 -3.59 34.54 12.75
C GLU B 101 -4.66 34.56 13.84
N ASN B 102 -5.92 34.81 13.47
CA ASN B 102 -6.95 35.16 14.43
C ASN B 102 -8.03 34.11 14.61
N VAL B 103 -8.25 33.23 13.64
CA VAL B 103 -9.34 32.26 13.73
C VAL B 103 -8.86 30.93 14.30
N VAL B 104 -7.80 30.37 13.72
CA VAL B 104 -7.32 29.04 14.12
C VAL B 104 -7.02 29.07 15.61
N GLU B 105 -7.68 28.19 16.36
CA GLU B 105 -7.53 28.12 17.79
C GLU B 105 -7.06 26.73 18.22
N PRO B 106 -6.49 26.61 19.42
CA PRO B 106 -6.12 25.28 19.92
C PRO B 106 -7.36 24.43 20.14
N GLY B 107 -7.23 23.14 19.82
CA GLY B 107 -8.32 22.19 19.99
C GLY B 107 -8.31 21.55 21.37
N SER B 108 -9.26 20.64 21.56
CA SER B 108 -9.51 20.03 22.87
C SER B 108 -9.20 18.54 22.93
N VAL B 109 -8.88 17.91 21.81
CA VAL B 109 -8.60 16.49 21.75
C VAL B 109 -7.30 16.27 21.01
N GLN B 110 -6.86 15.00 20.95
CA GLN B 110 -5.75 14.60 20.10
C GLN B 110 -6.33 13.76 18.97
N ALA B 111 -6.31 14.29 17.76
CA ALA B 111 -6.70 13.50 16.61
C ALA B 111 -5.62 12.49 16.27
N ASP B 112 -5.95 11.59 15.35
CA ASP B 112 -5.00 10.57 14.91
C ASP B 112 -4.11 11.14 13.82
N PHE B 113 -2.80 11.16 14.06
CA PHE B 113 -1.89 11.82 13.13
C PHE B 113 -1.91 11.18 11.76
N LEU B 114 -1.81 9.85 11.70
CA LEU B 114 -1.76 9.18 10.40
C LEU B 114 -3.05 9.38 9.62
N ASP B 115 -4.19 9.44 10.31
CA ASP B 115 -5.44 9.77 9.63
C ASP B 115 -5.40 11.18 9.06
N ALA B 116 -4.78 12.11 9.79
CA ALA B 116 -4.60 13.47 9.28
C ALA B 116 -3.68 13.48 8.07
N LEU B 117 -2.61 12.68 8.12
CA LEU B 117 -1.73 12.56 6.97
C LEU B 117 -2.49 11.97 5.79
N ILE B 118 -3.41 11.03 6.06
CA ILE B 118 -4.23 10.46 5.01
C ILE B 118 -5.17 11.52 4.43
N VAL B 119 -5.77 12.34 5.29
CA VAL B 119 -6.64 13.40 4.81
C VAL B 119 -5.86 14.37 3.93
N SER B 120 -4.64 14.70 4.33
CA SER B 120 -3.83 15.63 3.55
C SER B 120 -3.44 15.04 2.20
N MET B 121 -3.10 13.75 2.18
CA MET B 121 -2.75 13.08 0.92
C MET B 121 -3.95 13.05 -0.02
N ASP B 122 -5.10 12.60 0.48
CA ASP B 122 -6.32 12.59 -0.32
C ASP B 122 -6.58 13.97 -0.92
N LEU B 123 -6.50 15.01 -0.11
CA LEU B 123 -6.69 16.38 -0.60
C LEU B 123 -5.77 16.67 -1.79
N LEU B 124 -4.49 16.33 -1.66
CA LEU B 124 -3.54 16.56 -2.75
C LEU B 124 -3.86 15.70 -3.97
N GLN B 125 -4.30 14.46 -3.75
CA GLN B 125 -4.63 13.61 -4.88
C GLN B 125 -5.86 14.14 -5.61
N LYS B 126 -6.87 14.58 -4.86
CA LYS B 126 -8.14 15.00 -5.47
C LYS B 126 -8.05 16.41 -6.03
N GLU B 127 -7.48 17.33 -5.27
CA GLU B 127 -7.54 18.74 -5.62
C GLU B 127 -6.42 19.19 -6.56
N THR B 128 -5.51 18.30 -6.93
CA THR B 128 -4.53 18.57 -7.98
C THR B 128 -4.89 17.89 -9.30
N LEU B 129 -5.96 17.10 -9.32
CA LEU B 129 -6.35 16.39 -10.53
C LEU B 129 -6.69 17.37 -11.65
N GLY B 130 -5.89 17.39 -12.70
CA GLY B 130 -6.12 18.24 -13.85
C GLY B 130 -5.10 19.35 -14.02
N LYS B 131 -4.23 19.59 -13.06
CA LYS B 131 -3.27 20.68 -13.11
C LYS B 131 -1.85 20.14 -13.02
N LYS B 132 -0.89 20.99 -13.37
CA LYS B 132 0.52 20.63 -13.40
C LYS B 132 1.21 21.30 -12.22
N TYR B 133 1.89 20.51 -11.39
CA TYR B 133 2.66 21.01 -10.27
C TYR B 133 4.06 20.43 -10.34
N THR B 134 5.05 21.23 -9.93
CA THR B 134 6.42 20.72 -9.84
C THR B 134 6.54 19.72 -8.69
N ARG B 135 5.89 20.01 -7.56
CA ARG B 135 6.06 19.21 -6.36
C ARG B 135 4.75 19.17 -5.59
N LEU B 136 4.50 18.04 -4.95
CA LEU B 136 3.40 17.86 -4.00
C LEU B 136 4.01 17.63 -2.64
N HIS B 137 3.64 18.44 -1.66
CA HIS B 137 4.41 18.53 -0.43
C HIS B 137 3.48 18.64 0.76
N ILE B 138 3.86 18.00 1.86
CA ILE B 138 3.15 18.08 3.12
C ILE B 138 4.14 18.49 4.20
N ALA B 139 3.86 19.59 4.87
CA ALA B 139 4.65 20.04 6.00
C ALA B 139 3.84 19.78 7.25
N VAL B 140 4.37 18.94 8.15
CA VAL B 140 3.69 18.61 9.39
C VAL B 140 4.25 19.48 10.50
N PHE B 141 3.35 20.06 11.29
CA PHE B 141 3.72 20.85 12.46
C PHE B 141 3.10 20.19 13.69
N SER B 142 3.94 19.71 14.59
CA SER B 142 3.42 18.90 15.70
C SER B 142 4.48 18.79 16.78
N ASP B 143 4.01 18.52 18.00
CA ASP B 143 4.86 18.11 19.11
C ASP B 143 4.91 16.59 19.25
N LEU B 144 4.31 15.86 18.32
CA LEU B 144 4.29 14.40 18.33
C LEU B 144 3.52 13.85 19.54
N SER B 145 2.56 14.60 20.05
CA SER B 145 1.68 14.11 21.09
C SER B 145 0.44 13.41 20.54
N SER B 146 0.22 13.46 19.23
CA SER B 146 -1.01 12.86 18.69
C SER B 146 -0.79 11.38 18.43
N PRO B 147 -1.78 10.54 18.75
CA PRO B 147 -1.60 9.09 18.60
C PRO B 147 -1.65 8.66 17.15
N PHE B 148 -1.38 7.37 16.95
CA PHE B 148 -1.41 6.78 15.63
C PHE B 148 -1.24 5.27 15.80
N SER B 149 -1.59 4.54 14.75
CA SER B 149 -1.44 3.09 14.73
C SER B 149 -0.20 2.75 13.91
N VAL B 150 0.84 2.23 14.57
CA VAL B 150 2.08 1.90 13.87
C VAL B 150 1.80 0.90 12.75
N ASP B 151 0.78 0.06 12.92
CA ASP B 151 0.47 -0.97 11.93
C ASP B 151 0.10 -0.37 10.58
N GLN B 152 -0.44 0.86 10.55
CA GLN B 152 -0.83 1.50 9.30
C GLN B 152 0.31 2.24 8.64
N LEU B 153 1.50 2.21 9.23
CA LEU B 153 2.59 3.09 8.82
C LEU B 153 3.17 2.69 7.47
N GLU B 154 3.28 1.38 7.20
CA GLU B 154 3.93 0.95 5.97
C GLU B 154 3.08 1.30 4.75
N VAL B 155 1.76 1.11 4.83
CA VAL B 155 0.90 1.42 3.70
C VAL B 155 0.92 2.90 3.39
N ILE B 156 0.92 3.73 4.44
CA ILE B 156 0.97 5.19 4.24
C ILE B 156 2.28 5.57 3.56
N ILE B 157 3.41 5.05 4.03
CA ILE B 157 4.69 5.35 3.39
C ILE B 157 4.61 4.98 1.92
N ALA B 158 4.17 3.75 1.63
CA ALA B 158 4.05 3.31 0.23
C ALA B 158 3.16 4.25 -0.55
N ASN B 159 2.04 4.67 0.03
CA ASN B 159 1.11 5.55 -0.69
C ASN B 159 1.68 6.95 -0.88
N LEU B 160 2.46 7.44 0.08
CA LEU B 160 3.16 8.71 -0.15
C LEU B 160 4.11 8.60 -1.33
N LYS B 161 4.84 7.48 -1.44
CA LYS B 161 5.78 7.33 -2.54
C LYS B 161 5.04 7.17 -3.87
N LYS B 162 3.94 6.39 -3.89
CA LYS B 162 3.13 6.27 -5.09
C LYS B 162 2.61 7.64 -5.53
N ALA B 163 2.21 8.48 -4.58
CA ALA B 163 1.69 9.81 -4.88
C ALA B 163 2.79 10.82 -5.16
N GLU B 164 4.06 10.46 -4.92
CA GLU B 164 5.18 11.37 -5.14
C GLU B 164 5.10 12.60 -4.25
N ILE B 165 4.59 12.43 -3.03
CA ILE B 165 4.49 13.51 -2.06
C ILE B 165 5.75 13.52 -1.22
N THR B 166 6.32 14.71 -1.02
CA THR B 166 7.46 14.87 -0.14
C THR B 166 7.00 15.40 1.21
N LEU B 167 7.84 15.16 2.22
CA LEU B 167 7.46 15.41 3.61
C LEU B 167 8.52 16.24 4.30
N GLN B 168 8.06 17.17 5.14
CA GLN B 168 8.91 17.84 6.11
C GLN B 168 8.21 17.79 7.46
N PHE B 169 9.00 17.67 8.52
CA PHE B 169 8.49 17.78 9.87
C PHE B 169 9.06 19.02 10.54
N PHE B 170 8.21 19.73 11.26
CA PHE B 170 8.60 20.86 12.08
C PHE B 170 8.13 20.59 13.50
N LEU B 171 9.08 20.51 14.43
CA LEU B 171 8.84 20.05 15.79
C LEU B 171 9.41 21.07 16.77
N PRO B 172 8.97 21.02 18.04
CA PRO B 172 9.54 21.93 19.05
C PRO B 172 10.83 21.42 19.67
N PHE B 173 11.33 20.26 19.24
CA PHE B 173 12.57 19.72 19.76
C PHE B 173 13.35 19.11 18.60
N SER B 174 14.65 19.00 18.79
CA SER B 174 15.50 18.33 17.81
C SER B 174 15.43 16.82 17.99
N VAL B 175 15.75 16.10 16.92
CA VAL B 175 15.83 14.64 16.96
C VAL B 175 17.24 14.14 16.63
N ASP B 176 18.23 15.02 16.64
CA ASP B 176 19.62 14.62 16.41
C ASP B 176 20.57 15.43 17.26
N LYS B 183 14.59 15.15 26.81
CA LYS B 183 14.37 15.50 28.21
C LYS B 183 12.95 16.01 28.43
N GLY B 184 12.13 15.18 29.08
CA GLY B 184 10.77 15.55 29.40
C GLY B 184 9.73 15.13 28.40
N LEU B 185 10.03 14.18 27.52
CA LEU B 185 9.10 13.79 26.47
C LEU B 185 8.22 12.64 26.95
N SER B 186 6.95 12.68 26.54
CA SER B 186 6.00 11.64 26.92
C SER B 186 6.25 10.38 26.09
N ASP B 187 5.70 9.26 26.59
CA ASP B 187 5.81 8.01 25.86
C ASP B 187 5.29 8.15 24.44
N GLN B 188 4.17 8.87 24.27
CA GLN B 188 3.63 9.08 22.92
C GLN B 188 4.62 9.86 22.06
N GLN B 189 5.24 10.90 22.62
CA GLN B 189 6.20 11.68 21.85
C GLN B 189 7.41 10.84 21.45
N LYS B 190 7.82 9.91 22.32
CA LYS B 190 8.93 9.03 21.96
C LYS B 190 8.54 8.07 20.83
N GLU B 191 7.33 7.51 20.87
CA GLU B 191 6.87 6.71 19.75
C GLU B 191 6.79 7.55 18.49
N GLY B 192 6.40 8.83 18.63
CA GLY B 192 6.35 9.71 17.48
C GLY B 192 7.71 9.96 16.88
N ILE B 193 8.74 10.08 17.71
CA ILE B 193 10.08 10.34 17.20
C ILE B 193 10.56 9.16 16.35
N GLU B 194 10.36 7.94 16.85
CA GLU B 194 10.73 6.76 16.08
C GLU B 194 9.92 6.69 14.80
N MET B 195 8.64 7.06 14.87
CA MET B 195 7.82 7.12 13.66
C MET B 195 8.37 8.12 12.65
N VAL B 196 8.79 9.30 13.12
CA VAL B 196 9.32 10.31 12.19
C VAL B 196 10.58 9.80 11.52
N ARG B 197 11.47 9.16 12.29
CA ARG B 197 12.70 8.63 11.70
C ARG B 197 12.40 7.55 10.67
N LYS B 198 11.45 6.66 10.97
CA LYS B 198 11.13 5.59 10.04
C LYS B 198 10.59 6.13 8.73
N ILE B 199 9.60 7.03 8.79
CA ILE B 199 9.03 7.59 7.57
C ILE B 199 10.10 8.31 6.76
N MET B 200 10.83 9.23 7.40
CA MET B 200 11.76 10.07 6.65
C MET B 200 12.92 9.26 6.08
N PHE B 201 13.39 8.24 6.82
CA PHE B 201 14.43 7.39 6.25
C PHE B 201 13.85 6.50 5.15
N SER B 202 12.63 6.00 5.33
CA SER B 202 12.01 5.20 4.28
C SER B 202 11.81 6.02 3.02
N LEU B 203 11.49 7.31 3.16
CA LEU B 203 11.22 8.16 2.00
C LEU B 203 12.50 8.61 1.31
N ASP B 204 13.56 8.96 2.07
CA ASP B 204 14.73 9.55 1.42
C ASP B 204 16.03 9.33 2.19
N GLY B 205 16.16 8.20 2.89
CA GLY B 205 17.44 7.86 3.50
C GLY B 205 17.94 8.94 4.44
N GLU B 206 19.25 9.20 4.39
CA GLU B 206 19.87 10.18 5.29
C GLU B 206 19.45 11.60 4.93
N GLU B 207 19.38 11.92 3.63
CA GLU B 207 18.93 13.24 3.22
C GLU B 207 17.53 13.53 3.75
N GLY B 208 16.70 12.49 3.91
CA GLY B 208 15.36 12.67 4.44
C GLY B 208 15.36 13.01 5.92
N LEU B 209 16.35 12.53 6.66
CA LEU B 209 16.48 12.90 8.07
C LEU B 209 16.83 14.37 8.22
N SER B 210 17.47 14.96 7.20
CA SER B 210 17.77 16.38 7.19
C SER B 210 16.55 17.25 6.90
N GLU B 211 15.37 16.65 6.71
CA GLU B 211 14.14 17.40 6.43
C GLU B 211 13.21 17.42 7.63
N VAL B 212 13.76 17.21 8.82
CA VAL B 212 13.06 17.37 10.09
C VAL B 212 13.71 18.57 10.78
N PHE B 213 12.90 19.57 11.10
CA PHE B 213 13.39 20.85 11.60
C PHE B 213 12.73 21.18 12.93
N THR B 214 13.36 22.10 13.65
CA THR B 214 12.73 22.72 14.81
C THR B 214 12.00 23.98 14.38
N PHE B 215 10.96 24.35 15.13
CA PHE B 215 10.27 25.60 14.85
C PHE B 215 11.24 26.76 14.87
N ARG B 216 12.19 26.77 15.81
CA ARG B 216 13.09 27.91 15.96
C ARG B 216 14.00 28.05 14.75
N ASP B 217 14.58 26.95 14.28
CA ASP B 217 15.44 27.02 13.11
C ASP B 217 14.65 27.45 11.89
N ALA B 218 13.39 27.00 11.77
CA ALA B 218 12.55 27.42 10.66
C ALA B 218 12.24 28.92 10.73
N LEU B 219 11.96 29.41 11.93
CA LEU B 219 11.68 30.84 12.11
C LEU B 219 12.87 31.67 11.68
N GLU B 220 14.07 31.30 12.13
CA GLU B 220 15.27 32.03 11.77
C GLU B 220 15.47 32.06 10.26
N ARG B 221 15.22 30.93 9.59
CA ARG B 221 15.44 30.86 8.15
C ARG B 221 14.40 31.66 7.38
N LEU B 222 13.13 31.58 7.79
CA LEU B 222 12.07 32.29 7.08
C LEU B 222 12.03 33.77 7.38
N SER B 223 12.82 34.25 8.35
CA SER B 223 12.89 35.66 8.69
C SER B 223 13.92 36.44 7.88
N ILE B 224 14.88 35.77 7.27
CA ILE B 224 16.05 36.42 6.69
C ILE B 224 15.76 36.84 5.27
N PHE B 225 16.31 38.01 4.89
CA PHE B 225 16.19 38.54 3.53
C PHE B 225 17.56 38.74 2.92
N LYS C 14 12.44 -23.80 -2.71
CA LYS C 14 11.51 -23.14 -1.81
C LYS C 14 10.06 -23.39 -2.23
N GLY C 15 9.13 -23.11 -1.34
CA GLY C 15 7.71 -23.21 -1.67
C GLY C 15 7.34 -24.61 -2.11
N LEU C 16 6.70 -24.72 -3.28
CA LEU C 16 6.25 -26.02 -3.76
C LEU C 16 7.41 -26.98 -4.03
N PHE C 17 8.64 -26.48 -4.10
CA PHE C 17 9.81 -27.33 -4.22
C PHE C 17 10.49 -27.57 -2.88
N MET C 18 9.91 -27.07 -1.80
CA MET C 18 10.45 -27.22 -0.45
C MET C 18 10.81 -28.68 -0.15
N LYS D 12 20.61 22.87 -0.53
CA LYS D 12 19.55 22.99 -1.53
C LYS D 12 18.16 22.95 -0.86
N ALA D 13 17.55 24.14 -0.72
CA ALA D 13 16.33 24.28 0.07
C ALA D 13 15.13 23.60 -0.58
N LYS D 14 14.30 22.95 0.25
CA LYS D 14 13.12 22.23 -0.21
C LYS D 14 11.89 22.66 0.60
N GLY D 15 10.72 22.32 0.08
CA GLY D 15 9.47 22.48 0.80
C GLY D 15 9.23 23.93 1.16
N LEU D 16 9.07 24.16 2.46
CA LEU D 16 8.73 25.49 2.96
C LEU D 16 9.85 26.51 2.74
N PHE D 17 11.07 26.06 2.47
CA PHE D 17 12.19 26.97 2.30
C PHE D 17 12.50 27.25 0.82
N MET D 18 11.74 26.67 -0.10
CA MET D 18 11.97 26.85 -1.52
C MET D 18 11.72 28.30 -1.94
#